data_6XM9
#
_entry.id   6XM9
#
_cell.length_a   85.160
_cell.length_b   112.157
_cell.length_c   115.311
_cell.angle_alpha   90.000
_cell.angle_beta   90.000
_cell.angle_gamma   90.000
#
_symmetry.space_group_name_H-M   'I 2 2 2'
#
loop_
_entity.id
_entity.type
_entity.pdbx_description
1 polymer Dioxygenase
2 non-polymer 4-hydroxy-3-methoxybenzaldehyde
3 non-polymer 'DIMETHYL SULFOXIDE'
4 non-polymer 'ACETATE ION'
5 non-polymer 'COBALT (II) ION'
6 non-polymer 'MAGNESIUM ION'
7 water water
#
_entity_poly.entity_id   1
_entity_poly.type   'polypeptide(L)'
_entity_poly.pdbx_seq_one_letter_code
;MAHFPDTPAFTGFNAPSRIECDIPNLVHEGTIPPELNGAFFRVQPDPQFPPRLGDDISFNGDGMITRFHIHDGQCDIKQR
WAKTNKWKLENAAGKALFGSYRNPLTDDESVKGEYRSTANTNAFVFAGKLWAMKEDSPSLTMDPATMETFGFEKFGGKMT
GQTFTAHPKVDPLTGNMVAIGYAASGLCTDDVCLYEISPDGELIYEAWFKVPYYCMMHDFGVTKDYLVLHIVPSIGSWDR
LEKGLPHFGFDTTLPVYLGIIPRRADLKQEDIRWFKRENCFASHVMNAFQEGTKVHVDVPEAENNMFPFFPDVHGAPFNP
QQAMSRLTRWTVDMASNSDEFDSVTRLTETAGEFPRIDDRMTGLPYRYGWMLEMDMKRPVELKGGSAGGFLMNCLFLKDH
QTGAEQHWWCGPTSSLQEPAFIPRSKDAPEGDGWIVQVCNRLADHKSDLLIFEALDIEKGPVATVHLPFALRFGLHGNWA
NAEEIGLAA
;
_entity_poly.pdbx_strand_id   A
#
loop_
_chem_comp.id
_chem_comp.type
_chem_comp.name
_chem_comp.formula
ACT non-polymer 'ACETATE ION' 'C2 H3 O2 -1'
CO non-polymer 'COBALT (II) ION' 'Co 2'
DMS non-polymer 'DIMETHYL SULFOXIDE' 'C2 H6 O S'
MG non-polymer 'MAGNESIUM ION' 'Mg 2'
V55 non-polymer 4-hydroxy-3-methoxybenzaldehyde 'C8 H8 O3'
#
# COMPACT_ATOMS: atom_id res chain seq x y z
N ALA A 2 -3.49 -24.53 16.67
CA ALA A 2 -4.14 -23.24 17.03
C ALA A 2 -5.65 -23.32 16.81
N HIS A 3 -6.39 -22.84 17.80
CA HIS A 3 -7.85 -22.72 17.71
C HIS A 3 -8.19 -21.31 17.24
N PHE A 4 -8.52 -21.17 15.96
CA PHE A 4 -8.90 -19.87 15.40
C PHE A 4 -10.41 -19.72 15.33
N PRO A 5 -10.90 -18.48 15.29
CA PRO A 5 -12.35 -18.28 15.21
C PRO A 5 -12.94 -18.79 13.92
N ASP A 6 -14.19 -19.20 14.01
CA ASP A 6 -15.00 -19.56 12.85
C ASP A 6 -15.77 -18.34 12.34
N THR A 7 -15.01 -17.35 11.91
CA THR A 7 -15.56 -16.10 11.39
C THR A 7 -14.96 -15.84 10.02
N PRO A 8 -15.56 -14.93 9.25
CA PRO A 8 -15.09 -14.71 7.86
C PRO A 8 -13.64 -14.29 7.75
N ALA A 9 -13.11 -13.58 8.74
CA ALA A 9 -11.73 -13.11 8.63
C ALA A 9 -10.72 -14.25 8.79
N PHE A 10 -11.16 -15.45 9.17
CA PHE A 10 -10.26 -16.57 9.44
C PHE A 10 -10.64 -17.86 8.72
N THR A 11 -11.51 -17.80 7.72
CA THR A 11 -11.96 -19.00 7.04
C THR A 11 -11.97 -18.81 5.53
N GLY A 12 -11.99 -19.95 4.84
CA GLY A 12 -11.98 -19.95 3.38
C GLY A 12 -10.69 -19.38 2.83
N PHE A 13 -10.83 -18.46 1.88
CA PHE A 13 -9.67 -17.71 1.37
C PHE A 13 -8.93 -17.01 2.50
N ASN A 14 -9.61 -16.75 3.62
CA ASN A 14 -9.00 -16.09 4.76
C ASN A 14 -8.51 -17.06 5.83
N ALA A 15 -8.39 -18.34 5.52
CA ALA A 15 -7.80 -19.26 6.49
C ALA A 15 -6.38 -18.80 6.80
N PRO A 16 -5.95 -18.86 8.07
CA PRO A 16 -4.54 -18.57 8.35
C PRO A 16 -3.64 -19.51 7.57
N SER A 17 -2.49 -18.98 7.13
CA SER A 17 -1.52 -19.76 6.38
C SER A 17 -0.24 -19.94 7.17
N ARG A 18 0.49 -18.84 7.42
CA ARG A 18 1.65 -18.83 8.28
C ARG A 18 2.80 -19.69 7.74
N ILE A 19 2.77 -19.98 6.44
CA ILE A 19 3.83 -20.75 5.81
C ILE A 19 5.11 -19.93 5.73
N GLU A 20 6.18 -20.40 6.37
CA GLU A 20 7.52 -20.00 6.02
C GLU A 20 8.11 -21.12 5.18
N CYS A 21 8.67 -20.78 4.04
CA CYS A 21 9.12 -21.83 3.12
C CYS A 21 10.21 -21.33 2.20
N ASP A 22 10.81 -22.30 1.50
CA ASP A 22 11.73 -22.08 0.39
C ASP A 22 11.40 -23.08 -0.70
N ILE A 23 11.18 -22.58 -1.91
CA ILE A 23 11.07 -23.46 -3.08
C ILE A 23 11.78 -22.82 -4.27
N PRO A 24 12.90 -23.35 -4.73
CA PRO A 24 13.48 -22.86 -5.97
C PRO A 24 12.79 -23.50 -7.17
N ASN A 25 12.84 -22.79 -8.29
CA ASN A 25 12.51 -23.40 -9.58
C ASN A 25 11.07 -23.91 -9.57
N LEU A 26 10.16 -23.02 -9.18
CA LEU A 26 8.75 -23.34 -9.12
C LEU A 26 8.25 -23.83 -10.47
N VAL A 27 7.25 -24.72 -10.44
CA VAL A 27 6.65 -25.17 -11.69
C VAL A 27 6.09 -23.96 -12.40
N HIS A 28 6.34 -23.86 -13.70
CA HIS A 28 5.88 -22.70 -14.47
C HIS A 28 5.60 -23.07 -15.91
N GLU A 29 4.83 -22.19 -16.54
CA GLU A 29 4.51 -22.30 -17.96
C GLU A 29 4.85 -20.99 -18.65
N GLY A 30 4.97 -21.06 -19.97
CA GLY A 30 5.39 -19.91 -20.72
C GLY A 30 6.89 -19.71 -20.62
N THR A 31 7.31 -18.49 -20.93
CA THR A 31 8.72 -18.13 -20.96
C THR A 31 8.94 -16.96 -20.00
N ILE A 32 9.71 -17.21 -18.95
CA ILE A 32 10.18 -16.13 -18.08
C ILE A 32 11.28 -15.39 -18.82
N PRO A 33 11.14 -14.09 -19.08
CA PRO A 33 12.19 -13.35 -19.81
C PRO A 33 13.55 -13.60 -19.19
N PRO A 34 14.55 -13.99 -19.97
CA PRO A 34 15.90 -14.14 -19.40
C PRO A 34 16.48 -12.82 -18.91
N GLU A 35 15.92 -11.69 -19.33
CA GLU A 35 16.42 -10.40 -18.87
C GLU A 35 16.20 -10.21 -17.39
N LEU A 36 15.22 -10.89 -16.81
CA LEU A 36 14.80 -10.60 -15.45
C LEU A 36 15.83 -11.15 -14.48
N ASN A 37 16.29 -10.29 -13.57
CA ASN A 37 17.26 -10.70 -12.56
C ASN A 37 17.04 -9.82 -11.34
N GLY A 38 16.22 -10.30 -10.41
CA GLY A 38 15.88 -9.53 -9.24
C GLY A 38 14.76 -10.23 -8.50
N ALA A 39 14.02 -9.48 -7.69
CA ALA A 39 12.97 -10.11 -6.91
C ALA A 39 11.80 -9.17 -6.71
N PHE A 40 10.60 -9.76 -6.68
CA PHE A 40 9.34 -9.12 -6.36
C PHE A 40 9.01 -9.47 -4.93
N PHE A 41 8.85 -8.45 -4.09
CA PHE A 41 8.47 -8.63 -2.69
C PHE A 41 7.04 -8.18 -2.52
N ARG A 42 6.26 -8.97 -1.75
CA ARG A 42 4.91 -8.56 -1.41
C ARG A 42 4.59 -9.03 0.03
N VAL A 43 3.54 -8.47 0.64
CA VAL A 43 3.21 -8.80 2.02
C VAL A 43 1.74 -9.20 2.14
N GLN A 44 1.48 -10.21 2.96
CA GLN A 44 0.12 -10.56 3.35
C GLN A 44 -0.05 -10.48 4.86
N PRO A 45 -1.11 -9.83 5.34
CA PRO A 45 -1.51 -10.04 6.73
C PRO A 45 -1.85 -11.51 6.94
N ASP A 46 -1.36 -12.07 8.07
CA ASP A 46 -1.43 -13.52 8.33
C ASP A 46 -1.23 -13.70 9.83
N PRO A 47 -2.27 -14.08 10.57
CA PRO A 47 -2.17 -14.04 12.04
C PRO A 47 -1.27 -15.14 12.59
N GLN A 48 -0.24 -14.75 13.35
CA GLN A 48 0.59 -15.75 14.02
C GLN A 48 -0.24 -16.51 15.05
N PHE A 49 -1.13 -15.80 15.77
CA PHE A 49 -1.95 -16.35 16.83
C PHE A 49 -3.41 -15.95 16.66
N PRO A 50 -4.32 -16.76 17.20
CA PRO A 50 -5.72 -16.34 17.28
C PRO A 50 -5.84 -15.01 17.98
N PRO A 51 -6.84 -14.21 17.63
CA PRO A 51 -6.97 -12.89 18.25
C PRO A 51 -7.48 -13.02 19.68
N ARG A 52 -7.03 -12.08 20.52
CA ARG A 52 -7.43 -12.09 21.92
C ARG A 52 -8.95 -12.00 22.05
N LEU A 53 -9.58 -11.16 21.24
CA LEU A 53 -11.02 -10.94 21.36
C LEU A 53 -11.85 -12.08 20.80
N GLY A 54 -11.26 -12.98 20.01
CA GLY A 54 -12.02 -14.03 19.37
C GLY A 54 -12.57 -13.67 18.01
N ASP A 55 -12.24 -12.49 17.50
CA ASP A 55 -12.52 -12.09 16.12
C ASP A 55 -11.55 -10.95 15.81
N ASP A 56 -11.43 -10.61 14.54
CA ASP A 56 -10.53 -9.54 14.13
C ASP A 56 -10.88 -9.18 12.69
N ILE A 57 -10.16 -8.17 12.15
CA ILE A 57 -10.31 -7.76 10.77
C ILE A 57 -9.05 -8.10 9.98
N SER A 58 -9.19 -8.13 8.66
CA SER A 58 -8.09 -8.55 7.78
C SER A 58 -6.88 -7.64 7.92
N PHE A 59 -7.11 -6.33 8.09
CA PHE A 59 -6.01 -5.38 8.17
C PHE A 59 -5.16 -5.54 9.43
N ASN A 60 -5.53 -6.45 10.35
CA ASN A 60 -4.79 -6.58 11.59
C ASN A 60 -3.91 -7.82 11.66
N GLY A 61 -3.77 -8.57 10.58
CA GLY A 61 -2.91 -9.75 10.61
C GLY A 61 -1.42 -9.41 10.57
N ASP A 62 -0.62 -10.22 11.27
CA ASP A 62 0.83 -10.05 11.25
C ASP A 62 1.38 -10.11 9.83
N GLY A 63 2.39 -9.30 9.54
CA GLY A 63 2.95 -9.27 8.19
C GLY A 63 3.80 -10.49 7.87
N MET A 64 3.44 -11.19 6.80
CA MET A 64 4.24 -12.28 6.24
C MET A 64 4.76 -11.82 4.88
N ILE A 65 6.07 -11.92 4.67
CA ILE A 65 6.72 -11.36 3.49
C ILE A 65 7.03 -12.49 2.50
N THR A 66 6.58 -12.31 1.25
CA THR A 66 6.87 -13.22 0.17
C THR A 66 7.87 -12.59 -0.78
N ARG A 67 8.89 -13.35 -1.15
CA ARG A 67 9.86 -12.91 -2.15
C ARG A 67 9.86 -13.88 -3.32
N PHE A 68 9.65 -13.34 -4.53
CA PHE A 68 9.76 -14.10 -5.77
C PHE A 68 11.06 -13.67 -6.43
N HIS A 69 12.11 -14.51 -6.34
CA HIS A 69 13.40 -14.25 -6.98
C HIS A 69 13.38 -14.84 -8.38
N ILE A 70 13.44 -13.94 -9.38
CA ILE A 70 13.37 -14.31 -10.79
C ILE A 70 14.75 -14.11 -11.38
N HIS A 71 15.27 -15.16 -12.01
CA HIS A 71 16.64 -15.19 -12.51
C HIS A 71 16.78 -16.41 -13.40
N ASP A 72 17.57 -16.28 -14.45
CA ASP A 72 17.90 -17.43 -15.30
C ASP A 72 16.65 -18.12 -15.85
N GLY A 73 15.61 -17.35 -16.13
CA GLY A 73 14.41 -17.95 -16.68
C GLY A 73 13.59 -18.79 -15.73
N GLN A 74 13.82 -18.66 -14.41
CA GLN A 74 13.07 -19.41 -13.41
C GLN A 74 12.66 -18.47 -12.30
N CYS A 75 11.77 -18.97 -11.43
CA CYS A 75 11.26 -18.19 -10.32
C CYS A 75 11.32 -19.05 -9.06
N ASP A 76 11.89 -18.47 -8.01
CA ASP A 76 12.02 -19.08 -6.70
C ASP A 76 11.14 -18.31 -5.71
N ILE A 77 10.74 -18.99 -4.63
CA ILE A 77 10.01 -18.34 -3.55
C ILE A 77 10.72 -18.55 -2.22
N LYS A 78 10.83 -17.46 -1.46
CA LYS A 78 11.22 -17.49 -0.07
C LYS A 78 10.18 -16.69 0.70
N GLN A 79 9.63 -17.26 1.76
CA GLN A 79 8.58 -16.58 2.53
C GLN A 79 8.96 -16.61 4.00
N ARG A 80 8.91 -15.44 4.64
CA ARG A 80 9.34 -15.30 6.02
C ARG A 80 8.51 -14.27 6.74
N TRP A 81 8.38 -14.45 8.05
CA TRP A 81 7.71 -13.46 8.88
C TRP A 81 8.50 -12.17 8.95
N ALA A 82 7.78 -11.05 9.00
CA ALA A 82 8.36 -9.78 9.42
C ALA A 82 8.33 -9.77 10.95
N LYS A 83 9.50 -9.91 11.57
CA LYS A 83 9.54 -10.16 13.02
C LYS A 83 9.56 -8.83 13.76
N THR A 84 8.39 -8.20 13.79
CA THR A 84 8.12 -7.03 14.59
C THR A 84 8.28 -7.34 16.08
N ASN A 85 8.31 -6.28 16.89
CA ASN A 85 8.36 -6.49 18.33
C ASN A 85 7.12 -7.24 18.77
N LYS A 86 5.97 -6.92 18.17
CA LYS A 86 4.74 -7.66 18.44
C LYS A 86 4.93 -9.15 18.17
N TRP A 87 5.45 -9.46 16.97
CA TRP A 87 5.65 -10.86 16.59
C TRP A 87 6.54 -11.56 17.61
N LYS A 88 7.66 -10.91 17.98
CA LYS A 88 8.62 -11.53 18.87
C LYS A 88 8.03 -11.74 20.25
N LEU A 89 7.33 -10.73 20.78
CA LEU A 89 6.78 -10.84 22.13
C LEU A 89 5.72 -11.92 22.19
N GLU A 90 4.84 -11.98 21.19
CA GLU A 90 3.78 -12.98 21.19
C GLU A 90 4.35 -14.36 20.91
N ASN A 91 5.36 -14.46 20.04
CA ASN A 91 6.02 -15.73 19.83
C ASN A 91 6.63 -16.27 21.12
N ALA A 92 7.28 -15.39 21.89
CA ALA A 92 7.87 -15.78 23.17
C ALA A 92 6.80 -16.24 24.16
N ALA A 93 5.66 -15.54 24.19
CA ALA A 93 4.59 -15.86 25.12
C ALA A 93 3.71 -17.02 24.67
N GLY A 94 3.79 -17.42 23.41
CA GLY A 94 2.91 -18.45 22.89
C GLY A 94 1.47 -18.06 22.81
N LYS A 95 1.17 -16.76 22.75
CA LYS A 95 -0.21 -16.32 22.71
C LYS A 95 -0.25 -14.85 22.27
N ALA A 96 -1.42 -14.44 21.83
CA ALA A 96 -1.67 -13.05 21.49
C ALA A 96 -1.63 -12.17 22.74
N LEU A 97 -0.92 -11.06 22.61
CA LEU A 97 -0.81 -10.04 23.65
C LEU A 97 -1.42 -8.72 23.23
N PHE A 98 -1.32 -8.36 21.96
CA PHE A 98 -1.93 -7.15 21.45
C PHE A 98 -3.34 -7.45 20.96
N GLY A 99 -4.23 -6.47 21.14
CA GLY A 99 -5.63 -6.66 20.85
C GLY A 99 -6.11 -6.14 19.51
N SER A 100 -7.16 -5.34 19.52
N SER A 100 -7.16 -5.34 19.53
CA SER A 100 -7.90 -4.98 18.32
CA SER A 100 -7.89 -4.97 18.33
C SER A 100 -7.13 -3.95 17.50
C SER A 100 -7.12 -3.95 17.50
N TYR A 101 -7.61 -3.72 16.29
CA TYR A 101 -6.92 -2.86 15.34
C TYR A 101 -6.79 -1.43 15.88
N ARG A 102 -5.55 -0.95 15.92
CA ARG A 102 -5.24 0.42 16.35
C ARG A 102 -5.95 0.79 17.65
N ASN A 103 -6.02 -0.17 18.57
CA ASN A 103 -6.72 0.05 19.84
C ASN A 103 -5.88 -0.43 21.01
N PRO A 104 -5.01 0.45 21.53
CA PRO A 104 -4.15 0.05 22.66
C PRO A 104 -4.91 -0.23 23.96
N LEU A 105 -6.18 0.19 24.07
CA LEU A 105 -6.94 -0.12 25.28
C LEU A 105 -7.18 -1.60 25.46
N THR A 106 -7.08 -2.39 24.38
CA THR A 106 -7.35 -3.80 24.40
C THR A 106 -6.09 -4.64 24.51
N ASP A 107 -4.92 -4.03 24.69
CA ASP A 107 -3.69 -4.77 24.82
C ASP A 107 -3.49 -5.29 26.24
N ASP A 108 -2.82 -6.43 26.36
CA ASP A 108 -2.36 -6.90 27.67
C ASP A 108 -1.46 -5.87 28.32
N GLU A 109 -1.59 -5.72 29.64
CA GLU A 109 -0.80 -4.74 30.37
C GLU A 109 0.69 -4.93 30.12
N SER A 110 1.11 -6.17 29.85
CA SER A 110 2.53 -6.45 29.67
C SER A 110 3.13 -5.86 28.39
N VAL A 111 2.32 -5.34 27.47
CA VAL A 111 2.86 -4.72 26.28
C VAL A 111 2.44 -3.26 26.13
N LYS A 112 1.94 -2.64 27.21
CA LYS A 112 1.64 -1.22 27.13
C LYS A 112 2.88 -0.47 26.66
N GLY A 113 2.66 0.50 25.76
CA GLY A 113 3.74 1.31 25.26
C GLY A 113 4.58 0.71 24.15
N GLU A 114 4.41 -0.57 23.83
CA GLU A 114 5.20 -1.16 22.77
C GLU A 114 4.65 -0.74 21.41
N TYR A 115 5.51 -0.78 20.41
CA TYR A 115 5.06 -0.61 19.04
C TYR A 115 4.08 -1.74 18.70
N ARG A 116 2.92 -1.38 18.14
CA ARG A 116 1.88 -2.36 17.84
C ARG A 116 1.97 -2.86 16.40
N SER A 117 2.95 -2.39 15.65
CA SER A 117 3.08 -2.70 14.23
C SER A 117 3.02 -4.18 13.93
N THR A 118 2.23 -4.51 12.90
CA THR A 118 2.25 -5.80 12.23
C THR A 118 3.10 -5.79 10.96
N ALA A 119 3.63 -4.63 10.56
CA ALA A 119 4.48 -4.57 9.37
C ALA A 119 3.83 -5.27 8.17
N ASN A 120 2.52 -5.05 8.00
CA ASN A 120 1.73 -5.90 7.12
C ASN A 120 1.20 -5.19 5.87
N THR A 121 1.63 -3.95 5.59
CA THR A 121 1.05 -3.17 4.51
C THR A 121 1.94 -3.00 3.28
N ASN A 122 3.27 -3.01 3.41
CA ASN A 122 4.12 -2.89 2.24
C ASN A 122 5.41 -3.65 2.49
N ALA A 123 6.00 -4.15 1.40
CA ALA A 123 7.32 -4.79 1.39
C ALA A 123 8.08 -4.00 0.33
N PHE A 124 8.92 -3.05 0.77
CA PHE A 124 9.50 -2.00 -0.05
C PHE A 124 11.01 -2.11 0.02
N VAL A 125 11.69 -1.84 -1.07
CA VAL A 125 13.15 -1.95 -1.11
C VAL A 125 13.73 -0.54 -1.21
N PHE A 126 14.71 -0.24 -0.36
CA PHE A 126 15.36 1.06 -0.38
C PHE A 126 16.64 0.99 0.44
N ALA A 127 17.69 1.62 -0.09
CA ALA A 127 18.95 1.73 0.64
C ALA A 127 19.48 0.38 1.09
N GLY A 128 19.30 -0.63 0.23
CA GLY A 128 19.81 -1.96 0.48
C GLY A 128 19.04 -2.77 1.50
N LYS A 129 17.92 -2.25 1.99
CA LYS A 129 17.12 -2.92 2.98
C LYS A 129 15.73 -3.21 2.44
N LEU A 130 15.09 -4.20 3.06
CA LEU A 130 13.69 -4.52 2.86
C LEU A 130 12.92 -3.88 4.01
N TRP A 131 11.94 -3.06 3.65
CA TRP A 131 11.12 -2.32 4.61
C TRP A 131 9.76 -3.00 4.66
N ALA A 132 9.39 -3.49 5.86
CA ALA A 132 8.12 -4.13 6.11
C ALA A 132 7.33 -3.12 6.95
N MET A 133 6.25 -2.59 6.38
CA MET A 133 5.79 -1.26 6.78
C MET A 133 4.36 -1.29 7.32
N LYS A 134 4.13 -0.44 8.31
CA LYS A 134 2.83 -0.30 8.95
C LYS A 134 2.75 1.10 9.51
N GLU A 135 1.69 1.82 9.16
CA GLU A 135 1.63 3.26 9.34
C GLU A 135 1.45 3.72 10.77
N ASP A 136 1.41 2.82 11.74
CA ASP A 136 1.20 3.20 13.13
C ASP A 136 2.49 3.22 13.94
N SER A 137 3.62 2.99 13.30
CA SER A 137 4.90 2.80 13.99
C SER A 137 6.02 3.13 13.03
N PRO A 138 7.26 3.22 13.51
CA PRO A 138 8.39 3.23 12.57
C PRO A 138 8.35 1.97 11.72
N SER A 139 8.90 2.07 10.52
CA SER A 139 8.98 0.90 9.66
C SER A 139 9.90 -0.14 10.27
N LEU A 140 9.56 -1.40 10.06
CA LEU A 140 10.50 -2.49 10.27
C LEU A 140 11.45 -2.55 9.09
N THR A 141 12.69 -2.97 9.34
CA THR A 141 13.59 -3.29 8.25
C THR A 141 14.13 -4.71 8.38
N MET A 142 14.50 -5.26 7.24
CA MET A 142 14.89 -6.65 7.08
C MET A 142 15.98 -6.72 6.02
N ASP A 143 16.74 -7.81 6.07
CA ASP A 143 17.73 -8.11 5.05
C ASP A 143 17.02 -8.65 3.82
N PRO A 144 17.12 -8.01 2.66
CA PRO A 144 16.36 -8.50 1.51
C PRO A 144 16.86 -9.81 0.95
N ALA A 145 18.09 -10.21 1.27
CA ALA A 145 18.65 -11.46 0.75
C ALA A 145 18.32 -12.63 1.66
N THR A 146 18.61 -12.51 2.96
CA THR A 146 18.29 -13.58 3.89
C THR A 146 16.88 -13.49 4.42
N MET A 147 16.26 -12.30 4.37
CA MET A 147 14.94 -12.03 4.92
C MET A 147 14.88 -12.24 6.43
N GLU A 148 16.03 -12.18 7.10
CA GLU A 148 16.06 -11.97 8.53
C GLU A 148 15.61 -10.55 8.84
N THR A 149 15.15 -10.34 10.06
CA THR A 149 14.67 -9.05 10.51
C THR A 149 15.74 -8.29 11.28
N PHE A 150 15.90 -7.01 10.96
CA PHE A 150 16.79 -6.15 11.73
C PHE A 150 16.06 -5.56 12.95
N GLY A 151 14.98 -4.85 12.71
CA GLY A 151 14.26 -4.17 13.76
C GLY A 151 13.62 -2.90 13.22
N PHE A 152 13.22 -2.02 14.12
CA PHE A 152 12.57 -0.79 13.71
C PHE A 152 13.61 0.27 13.38
N GLU A 153 13.32 1.06 12.35
CA GLU A 153 14.21 2.10 11.86
C GLU A 153 13.78 3.44 12.44
N LYS A 154 14.57 3.97 13.37
CA LYS A 154 14.35 5.33 13.85
C LYS A 154 15.52 6.26 13.51
N PHE A 155 16.36 5.86 12.55
CA PHE A 155 17.31 6.78 11.92
C PHE A 155 18.22 7.43 12.97
N GLY A 156 18.80 6.59 13.82
CA GLY A 156 19.79 7.08 14.77
C GLY A 156 19.25 8.07 15.78
N GLY A 157 17.97 8.01 16.10
CA GLY A 157 17.36 8.98 16.98
C GLY A 157 16.97 10.29 16.33
N LYS A 158 17.32 10.50 15.07
CA LYS A 158 16.97 11.75 14.38
C LYS A 158 15.50 11.83 14.06
N MET A 159 14.82 10.69 13.97
CA MET A 159 13.36 10.66 13.83
C MET A 159 12.74 10.80 15.21
N THR A 160 11.96 11.86 15.42
CA THR A 160 11.26 12.01 16.69
C THR A 160 9.76 11.74 16.58
N GLY A 161 9.20 11.71 15.37
CA GLY A 161 7.82 11.27 15.24
C GLY A 161 7.69 9.81 15.62
N GLN A 162 6.47 9.44 16.00
CA GLN A 162 6.21 8.08 16.47
C GLN A 162 5.91 7.09 15.35
N THR A 163 5.69 7.56 14.14
CA THR A 163 5.08 6.73 13.09
C THR A 163 5.75 6.99 11.74
N PHE A 164 5.56 6.03 10.84
CA PHE A 164 6.14 6.06 9.50
C PHE A 164 5.16 5.38 8.55
N THR A 165 4.97 5.98 7.39
CA THR A 165 4.01 5.51 6.41
C THR A 165 4.35 4.12 5.89
N ALA A 166 3.35 3.52 5.22
CA ALA A 166 3.56 2.31 4.44
C ALA A 166 3.51 2.57 2.95
N HIS A 167 3.47 3.87 2.55
CA HIS A 167 3.44 4.26 1.14
C HIS A 167 4.58 5.20 0.78
N PRO A 168 5.83 4.79 1.06
CA PRO A 168 6.97 5.64 0.69
C PRO A 168 7.05 5.85 -0.81
N LYS A 169 7.49 7.05 -1.21
CA LYS A 169 7.81 7.36 -2.59
C LYS A 169 9.31 7.58 -2.73
N VAL A 170 9.83 7.30 -3.92
CA VAL A 170 11.22 7.62 -4.25
C VAL A 170 11.23 8.69 -5.33
N ASP A 171 11.84 9.82 -5.03
CA ASP A 171 11.95 10.93 -5.97
C ASP A 171 13.03 10.60 -7.00
N PRO A 172 12.68 10.48 -8.29
CA PRO A 172 13.71 10.08 -9.28
C PRO A 172 14.78 11.12 -9.48
N LEU A 173 14.55 12.36 -9.05
CA LEU A 173 15.55 13.41 -9.24
C LEU A 173 16.72 13.24 -8.28
N THR A 174 16.43 12.87 -7.03
CA THR A 174 17.46 12.76 -6.01
C THR A 174 17.72 11.33 -5.57
N GLY A 175 16.79 10.43 -5.80
CA GLY A 175 16.83 9.12 -5.17
C GLY A 175 16.37 9.10 -3.74
N ASN A 176 15.87 10.22 -3.21
CA ASN A 176 15.45 10.26 -1.82
C ASN A 176 14.15 9.48 -1.63
N MET A 177 14.03 8.81 -0.49
CA MET A 177 12.73 8.32 -0.09
C MET A 177 11.98 9.47 0.56
N VAL A 178 10.73 9.67 0.17
CA VAL A 178 9.87 10.69 0.77
C VAL A 178 8.75 9.96 1.49
N ALA A 179 8.54 10.32 2.75
CA ALA A 179 7.57 9.63 3.58
C ALA A 179 6.88 10.61 4.51
N ILE A 180 5.75 10.16 5.06
CA ILE A 180 5.05 10.88 6.12
C ILE A 180 4.95 9.97 7.32
N GLY A 181 4.51 10.55 8.43
CA GLY A 181 4.04 9.78 9.56
C GLY A 181 2.93 10.56 10.24
N TYR A 182 1.70 10.05 10.25
CA TYR A 182 0.61 10.76 10.90
C TYR A 182 0.35 10.20 12.30
N ALA A 183 -0.47 10.93 13.07
CA ALA A 183 -0.57 10.69 14.51
C ALA A 183 0.83 10.70 15.12
N ALA A 184 1.62 11.70 14.69
CA ALA A 184 3.06 11.66 14.93
C ALA A 184 3.44 11.87 16.39
N SER A 185 2.57 12.47 17.19
CA SER A 185 2.85 12.70 18.60
C SER A 185 2.03 11.82 19.52
N GLY A 186 1.36 10.79 18.98
CA GLY A 186 0.53 9.93 19.78
C GLY A 186 -0.77 9.57 19.09
N LEU A 187 -1.48 8.56 19.59
CA LEU A 187 -2.67 8.10 18.91
C LEU A 187 -3.66 9.23 18.71
N CYS A 188 -4.23 9.28 17.51
CA CYS A 188 -5.31 10.19 17.14
C CYS A 188 -4.91 11.67 17.21
N THR A 189 -3.62 11.98 17.22
CA THR A 189 -3.21 13.38 17.21
C THR A 189 -3.29 13.94 15.79
N ASP A 190 -3.30 15.26 15.69
CA ASP A 190 -3.38 15.91 14.40
C ASP A 190 -2.01 16.33 13.87
N ASP A 191 -0.94 15.84 14.49
CA ASP A 191 0.42 16.10 14.03
C ASP A 191 0.84 15.11 12.97
N VAL A 192 1.60 15.60 11.98
CA VAL A 192 2.12 14.78 10.90
C VAL A 192 3.56 15.20 10.66
N CYS A 193 4.43 14.23 10.40
CA CYS A 193 5.80 14.50 9.98
C CYS A 193 5.98 14.22 8.49
N LEU A 194 6.76 15.08 7.84
CA LEU A 194 7.29 14.82 6.51
C LEU A 194 8.76 14.45 6.67
N TYR A 195 9.15 13.33 6.05
CA TYR A 195 10.51 12.82 6.14
C TYR A 195 11.11 12.69 4.74
N GLU A 196 12.40 12.98 4.62
CA GLU A 196 13.16 12.60 3.45
C GLU A 196 14.41 11.86 3.89
N ILE A 197 14.70 10.76 3.20
CA ILE A 197 15.76 9.81 3.51
C ILE A 197 16.69 9.74 2.30
N SER A 198 17.99 9.85 2.53
CA SER A 198 18.96 9.81 1.46
C SER A 198 19.04 8.42 0.86
N PRO A 199 19.56 8.29 -0.37
CA PRO A 199 19.73 6.95 -0.96
C PRO A 199 20.56 6.02 -0.09
N ASP A 200 21.40 6.55 0.79
CA ASP A 200 22.22 5.73 1.65
C ASP A 200 21.50 5.36 2.95
N GLY A 201 20.26 5.80 3.12
CA GLY A 201 19.46 5.41 4.26
C GLY A 201 19.52 6.32 5.46
N GLU A 202 20.06 7.52 5.32
CA GLU A 202 20.17 8.46 6.42
C GLU A 202 19.00 9.45 6.36
N LEU A 203 18.43 9.76 7.52
CA LEU A 203 17.36 10.76 7.57
C LEU A 203 17.94 12.15 7.27
N ILE A 204 17.43 12.79 6.23
CA ILE A 204 17.89 14.12 5.86
C ILE A 204 17.21 15.18 6.71
N TYR A 205 15.87 15.16 6.73
CA TYR A 205 15.14 16.09 7.56
C TYR A 205 13.80 15.48 7.96
N GLU A 206 13.25 16.03 9.05
CA GLU A 206 11.90 15.76 9.52
C GLU A 206 11.23 17.09 9.75
N ALA A 207 10.04 17.28 9.19
CA ALA A 207 9.30 18.54 9.32
C ALA A 207 7.92 18.27 9.87
N TRP A 208 7.55 19.00 10.92
CA TRP A 208 6.28 18.82 11.59
C TRP A 208 5.24 19.82 11.10
N PHE A 209 4.00 19.37 10.97
CA PHE A 209 2.87 20.25 10.71
C PHE A 209 1.60 19.60 11.28
N LYS A 210 0.49 20.34 11.19
CA LYS A 210 -0.81 19.85 11.63
C LYS A 210 -1.80 19.83 10.46
N VAL A 211 -2.77 18.92 10.57
CA VAL A 211 -3.79 18.74 9.54
C VAL A 211 -5.15 19.21 10.05
N PRO A 212 -6.13 19.41 9.14
CA PRO A 212 -7.43 19.93 9.58
C PRO A 212 -8.13 19.06 10.58
N TYR A 213 -7.98 17.75 10.46
CA TYR A 213 -8.50 16.83 11.46
C TYR A 213 -7.76 15.50 11.34
N TYR A 214 -7.67 14.80 12.46
CA TYR A 214 -7.08 13.47 12.46
C TYR A 214 -7.97 12.53 11.67
N CYS A 215 -7.34 11.75 10.79
CA CYS A 215 -8.02 10.80 9.92
C CYS A 215 -6.96 9.82 9.46
N MET A 216 -7.40 8.80 8.73
CA MET A 216 -6.46 7.84 8.16
C MET A 216 -5.73 8.49 7.00
N MET A 217 -4.46 8.84 7.21
CA MET A 217 -3.63 9.42 6.14
C MET A 217 -2.73 8.29 5.62
N HIS A 218 -3.35 7.41 4.85
CA HIS A 218 -2.75 6.16 4.41
C HIS A 218 -1.75 6.35 3.28
N ASP A 219 -2.05 7.24 2.33
CA ASP A 219 -1.24 7.46 1.15
C ASP A 219 -1.14 8.96 0.89
N PHE A 220 -0.39 9.32 -0.14
CA PHE A 220 -0.08 10.72 -0.41
C PHE A 220 0.65 10.73 -1.74
N GLY A 221 0.78 11.93 -2.31
CA GLY A 221 1.57 12.14 -3.52
C GLY A 221 2.83 12.94 -3.23
N VAL A 222 3.80 12.87 -4.13
CA VAL A 222 5.03 13.65 -4.02
C VAL A 222 5.34 14.23 -5.39
N THR A 223 5.65 15.52 -5.42
CA THR A 223 6.16 16.19 -6.61
C THR A 223 7.51 16.82 -6.28
N LYS A 224 8.13 17.47 -7.27
CA LYS A 224 9.43 18.08 -7.02
C LYS A 224 9.37 18.98 -5.80
N ASP A 225 8.34 19.81 -5.69
CA ASP A 225 8.31 20.84 -4.67
C ASP A 225 7.43 20.50 -3.48
N TYR A 226 6.59 19.45 -3.57
CA TYR A 226 5.50 19.33 -2.63
C TYR A 226 5.24 17.91 -2.15
N LEU A 227 4.78 17.82 -0.90
CA LEU A 227 3.96 16.73 -0.39
C LEU A 227 2.50 17.05 -0.68
N VAL A 228 1.79 16.09 -1.25
CA VAL A 228 0.40 16.27 -1.69
C VAL A 228 -0.42 15.33 -0.85
N LEU A 229 -1.20 15.87 0.10
CA LEU A 229 -1.79 15.07 1.17
C LEU A 229 -3.30 15.23 1.20
N HIS A 230 -4.01 14.19 0.78
CA HIS A 230 -5.47 14.21 0.85
C HIS A 230 -5.93 13.88 2.27
N ILE A 231 -6.99 14.58 2.68
CA ILE A 231 -7.57 14.52 4.00
C ILE A 231 -8.99 14.02 3.77
N VAL A 232 -9.24 12.76 4.11
CA VAL A 232 -10.47 12.05 3.79
C VAL A 232 -11.05 11.54 5.10
N PRO A 233 -12.32 11.78 5.39
CA PRO A 233 -12.82 11.58 6.76
C PRO A 233 -13.18 10.15 7.16
N SER A 234 -12.23 9.24 6.97
CA SER A 234 -12.18 8.01 7.77
C SER A 234 -11.48 8.41 9.05
N ILE A 235 -12.28 8.74 10.08
CA ILE A 235 -11.73 9.36 11.27
C ILE A 235 -11.73 8.37 12.41
N GLY A 236 -10.85 8.63 13.38
CA GLY A 236 -10.80 7.85 14.59
C GLY A 236 -10.69 8.79 15.79
N SER A 237 -10.87 8.21 16.98
CA SER A 237 -10.82 8.96 18.21
C SER A 237 -10.65 7.97 19.36
N TRP A 238 -10.04 8.46 20.45
CA TRP A 238 -10.05 7.72 21.71
C TRP A 238 -11.47 7.39 22.15
N ASP A 239 -12.39 8.34 21.97
CA ASP A 239 -13.78 8.09 22.33
C ASP A 239 -14.32 6.85 21.64
N ARG A 240 -14.06 6.71 20.33
CA ARG A 240 -14.50 5.51 19.64
C ARG A 240 -13.93 4.26 20.29
N LEU A 241 -12.64 4.30 20.64
CA LEU A 241 -12.01 3.12 21.22
C LEU A 241 -12.62 2.79 22.57
N GLU A 242 -12.88 3.81 23.39
CA GLU A 242 -13.49 3.57 24.69
C GLU A 242 -14.87 2.95 24.56
N LYS A 243 -15.58 3.24 23.48
CA LYS A 243 -16.92 2.68 23.28
C LYS A 243 -16.89 1.35 22.54
N GLY A 244 -15.71 0.80 22.26
CA GLY A 244 -15.63 -0.50 21.61
C GLY A 244 -15.89 -0.50 20.13
N LEU A 245 -15.87 0.66 19.48
CA LEU A 245 -16.08 0.76 18.04
C LEU A 245 -14.76 0.51 17.30
N PRO A 246 -14.83 0.09 16.04
CA PRO A 246 -13.61 0.07 15.23
C PRO A 246 -12.92 1.44 15.27
N HIS A 247 -11.58 1.42 15.27
CA HIS A 247 -10.83 2.66 15.39
C HIS A 247 -11.36 3.71 14.43
N PHE A 248 -11.45 3.36 13.15
CA PHE A 248 -11.92 4.30 12.13
C PHE A 248 -13.38 4.10 11.81
N GLY A 249 -14.06 5.20 11.52
CA GLY A 249 -15.36 5.19 10.89
C GLY A 249 -15.44 6.34 9.91
N PHE A 250 -16.33 6.21 8.93
CA PHE A 250 -16.42 7.23 7.87
C PHE A 250 -17.53 8.23 8.16
N ASP A 251 -17.22 9.52 8.01
CA ASP A 251 -18.16 10.62 8.28
C ASP A 251 -18.44 11.32 6.96
N THR A 252 -19.64 11.10 6.43
CA THR A 252 -20.03 11.66 5.14
C THR A 252 -20.31 13.15 5.20
N THR A 253 -20.35 13.73 6.41
CA THR A 253 -20.69 15.14 6.54
C THR A 253 -19.47 16.05 6.58
N LEU A 254 -18.27 15.50 6.62
CA LEU A 254 -17.07 16.31 6.72
C LEU A 254 -16.51 16.64 5.33
N PRO A 255 -15.94 17.82 5.15
CA PRO A 255 -15.28 18.13 3.87
C PRO A 255 -14.02 17.30 3.69
N VAL A 256 -13.65 17.13 2.40
CA VAL A 256 -12.36 16.57 2.00
C VAL A 256 -11.40 17.72 1.69
N TYR A 257 -10.15 17.58 2.12
CA TYR A 257 -9.14 18.58 1.79
C TYR A 257 -8.00 17.93 0.99
N LEU A 258 -7.31 18.77 0.23
CA LEU A 258 -6.04 18.39 -0.38
C LEU A 258 -5.02 19.42 0.08
N GLY A 259 -4.05 18.98 0.87
CA GLY A 259 -3.02 19.87 1.35
C GLY A 259 -1.78 19.83 0.45
N ILE A 260 -1.27 21.00 0.14
CA ILE A 260 -0.04 21.14 -0.62
C ILE A 260 1.01 21.69 0.34
N ILE A 261 1.99 20.85 0.66
CA ILE A 261 2.94 21.07 1.75
C ILE A 261 4.34 21.16 1.16
N PRO A 262 5.05 22.29 1.31
CA PRO A 262 6.40 22.39 0.73
C PRO A 262 7.33 21.30 1.26
N ARG A 263 8.12 20.72 0.35
CA ARG A 263 9.12 19.71 0.70
C ARG A 263 10.39 20.41 1.18
N ARG A 264 10.32 20.93 2.40
CA ARG A 264 11.39 21.78 2.92
C ARG A 264 11.55 21.52 4.40
N ALA A 265 12.81 21.38 4.85
CA ALA A 265 13.09 21.17 6.25
C ALA A 265 12.62 22.34 7.10
N ASP A 266 12.57 23.54 6.54
CA ASP A 266 12.15 24.73 7.27
C ASP A 266 10.65 24.99 7.17
N LEU A 267 9.88 23.98 6.77
CA LEU A 267 8.44 24.10 6.68
C LEU A 267 7.86 24.71 7.95
N LYS A 268 6.97 25.69 7.77
CA LYS A 268 6.10 26.17 8.82
C LYS A 268 4.64 26.03 8.40
N GLN A 269 3.77 25.94 9.40
CA GLN A 269 2.35 25.72 9.15
C GLN A 269 1.82 26.72 8.14
N GLU A 270 2.28 27.97 8.21
CA GLU A 270 1.76 29.04 7.37
C GLU A 270 2.09 28.83 5.90
N ASP A 271 3.05 27.94 5.59
CA ASP A 271 3.43 27.71 4.20
C ASP A 271 2.46 26.79 3.47
N ILE A 272 1.54 26.16 4.20
CA ILE A 272 0.71 25.09 3.64
C ILE A 272 -0.57 25.69 3.08
N ARG A 273 -0.99 25.17 1.93
CA ARG A 273 -2.30 25.49 1.37
C ARG A 273 -3.21 24.28 1.50
N TRP A 274 -4.42 24.52 1.97
CA TRP A 274 -5.46 23.49 2.05
C TRP A 274 -6.57 23.86 1.09
N PHE A 275 -6.78 23.02 0.08
CA PHE A 275 -7.93 23.13 -0.81
C PHE A 275 -9.05 22.23 -0.30
N LYS A 276 -10.28 22.66 -0.50
CA LYS A 276 -11.43 22.01 0.10
C LYS A 276 -12.45 21.63 -0.96
N ARG A 277 -13.01 20.44 -0.82
CA ARG A 277 -14.07 19.99 -1.70
C ARG A 277 -15.12 19.22 -0.91
N GLU A 278 -16.14 18.80 -1.62
CA GLU A 278 -17.22 18.09 -1.01
C GLU A 278 -16.79 16.67 -0.62
N ASN A 279 -17.52 16.10 0.34
CA ASN A 279 -17.23 14.77 0.83
C ASN A 279 -17.12 13.73 -0.28
N CYS A 280 -16.10 12.90 -0.20
CA CYS A 280 -15.92 11.74 -1.06
C CYS A 280 -14.92 10.82 -0.37
N PHE A 281 -14.55 9.75 -1.03
CA PHE A 281 -13.56 8.82 -0.49
C PHE A 281 -12.45 8.61 -1.50
N ALA A 282 -11.21 8.70 -1.05
CA ALA A 282 -10.07 8.25 -1.84
C ALA A 282 -9.02 7.76 -0.86
N SER A 283 -8.32 6.70 -1.24
CA SER A 283 -7.25 6.14 -0.42
C SER A 283 -5.90 6.26 -1.11
N HIS A 284 -5.74 5.64 -2.26
CA HIS A 284 -4.44 5.54 -2.88
C HIS A 284 -4.21 6.61 -3.94
N VAL A 285 -2.93 6.80 -4.22
CA VAL A 285 -2.47 7.78 -5.20
C VAL A 285 -1.75 7.03 -6.31
N MET A 286 -2.21 7.23 -7.55
CA MET A 286 -1.47 6.69 -8.69
C MET A 286 -0.15 7.46 -8.85
N ASN A 287 -0.24 8.78 -8.98
CA ASN A 287 0.90 9.67 -9.11
C ASN A 287 0.41 11.09 -8.93
N ALA A 288 1.33 11.99 -8.62
CA ALA A 288 1.07 13.42 -8.58
C ALA A 288 2.17 14.11 -9.36
N PHE A 289 1.86 15.28 -9.90
CA PHE A 289 2.86 16.04 -10.66
C PHE A 289 2.42 17.49 -10.75
N GLN A 290 3.37 18.36 -11.09
CA GLN A 290 3.12 19.79 -11.22
C GLN A 290 3.03 20.19 -12.68
N GLU A 291 2.30 21.27 -12.91
CA GLU A 291 2.18 21.85 -14.25
C GLU A 291 2.02 23.35 -14.03
N GLY A 292 3.08 24.13 -14.30
CA GLY A 292 3.00 25.55 -13.99
C GLY A 292 2.79 25.72 -12.50
N THR A 293 1.80 26.53 -12.13
CA THR A 293 1.47 26.72 -10.70
C THR A 293 0.44 25.72 -10.19
N LYS A 294 0.05 24.77 -11.03
CA LYS A 294 -0.93 23.77 -10.62
C LYS A 294 -0.25 22.50 -10.11
N VAL A 295 -1.01 21.76 -9.33
CA VAL A 295 -0.64 20.43 -8.87
C VAL A 295 -1.79 19.49 -9.22
N HIS A 296 -1.45 18.35 -9.81
CA HIS A 296 -2.39 17.29 -10.20
C HIS A 296 -2.08 16.04 -9.40
N VAL A 297 -3.12 15.37 -8.92
CA VAL A 297 -2.96 14.08 -8.27
C VAL A 297 -4.09 13.16 -8.73
N ASP A 298 -3.72 11.95 -9.14
CA ASP A 298 -4.67 10.99 -9.68
C ASP A 298 -4.93 9.93 -8.63
N VAL A 299 -6.19 9.76 -8.25
CA VAL A 299 -6.61 8.87 -7.17
C VAL A 299 -7.83 8.10 -7.61
N PRO A 300 -8.00 6.83 -7.11
CA PRO A 300 -9.28 6.14 -7.29
C PRO A 300 -10.31 6.76 -6.35
N GLU A 301 -11.28 7.49 -6.90
CA GLU A 301 -12.26 8.22 -6.09
C GLU A 301 -13.56 7.44 -6.05
N ALA A 302 -14.12 7.30 -4.86
CA ALA A 302 -15.45 6.73 -4.68
C ALA A 302 -16.36 7.77 -4.04
N GLU A 303 -17.66 7.61 -4.28
CA GLU A 303 -18.64 8.53 -3.69
C GLU A 303 -18.67 8.45 -2.17
N ASN A 304 -18.38 7.27 -1.60
CA ASN A 304 -18.55 7.02 -0.17
C ASN A 304 -17.49 6.01 0.28
N ASN A 305 -17.52 5.70 1.57
CA ASN A 305 -16.56 4.82 2.23
C ASN A 305 -16.31 3.51 1.49
N MET A 306 -15.02 3.12 1.44
CA MET A 306 -14.66 1.85 0.83
C MET A 306 -14.33 0.77 1.85
N PHE A 307 -14.33 1.07 3.15
CA PHE A 307 -13.95 0.15 4.20
C PHE A 307 -15.17 -0.29 5.02
N PRO A 308 -15.82 -1.41 4.71
CA PRO A 308 -17.04 -1.75 5.47
C PRO A 308 -16.77 -1.99 6.95
N PHE A 309 -15.56 -2.43 7.30
CA PHE A 309 -15.16 -2.70 8.68
C PHE A 309 -14.83 -1.43 9.46
N PHE A 310 -14.85 -0.26 8.80
CA PHE A 310 -14.66 1.04 9.43
C PHE A 310 -15.94 1.82 9.11
N PRO A 311 -17.03 1.54 9.81
CA PRO A 311 -18.37 1.85 9.26
C PRO A 311 -18.75 3.33 9.37
N ASP A 312 -19.82 3.66 8.66
CA ASP A 312 -20.41 4.98 8.73
C ASP A 312 -20.68 5.38 10.17
N VAL A 313 -20.22 6.59 10.54
CA VAL A 313 -20.25 6.97 11.94
C VAL A 313 -21.67 7.29 12.42
N HIS A 314 -22.60 7.52 11.52
CA HIS A 314 -23.99 7.75 11.88
C HIS A 314 -24.85 6.51 11.73
N GLY A 315 -24.24 5.34 11.61
CA GLY A 315 -24.96 4.08 11.62
C GLY A 315 -25.50 3.62 10.29
N ALA A 316 -25.16 4.28 9.19
CA ALA A 316 -25.69 3.87 7.90
C ALA A 316 -25.11 2.50 7.50
N PRO A 317 -25.92 1.63 6.89
CA PRO A 317 -25.36 0.37 6.37
C PRO A 317 -24.41 0.65 5.23
N PHE A 318 -23.47 -0.27 5.03
CA PHE A 318 -22.48 -0.10 3.99
C PHE A 318 -23.15 -0.10 2.62
N ASN A 319 -22.67 0.77 1.73
CA ASN A 319 -23.21 0.88 0.38
C ASN A 319 -22.18 0.45 -0.66
N PRO A 320 -22.26 -0.77 -1.17
CA PRO A 320 -21.21 -1.23 -2.09
C PRO A 320 -21.14 -0.43 -3.38
N GLN A 321 -22.27 0.04 -3.88
CA GLN A 321 -22.25 0.76 -5.14
C GLN A 321 -21.53 2.10 -5.00
N GLN A 322 -21.74 2.78 -3.89
CA GLN A 322 -21.03 4.03 -3.63
C GLN A 322 -19.57 3.82 -3.26
N ALA A 323 -19.13 2.59 -3.04
CA ALA A 323 -17.75 2.28 -2.76
C ALA A 323 -16.93 2.03 -4.03
N MET A 324 -17.58 2.00 -5.19
N MET A 324 -17.56 2.03 -5.20
CA MET A 324 -16.88 1.81 -6.45
CA MET A 324 -16.84 1.75 -6.44
C MET A 324 -16.00 3.01 -6.75
C MET A 324 -16.02 2.98 -6.84
N SER A 325 -14.71 2.79 -6.92
CA SER A 325 -13.76 3.87 -7.17
C SER A 325 -13.34 3.90 -8.63
N ARG A 326 -13.14 5.10 -9.15
CA ARG A 326 -12.65 5.30 -10.51
C ARG A 326 -11.54 6.33 -10.50
N LEU A 327 -10.49 6.06 -11.27
CA LEU A 327 -9.36 6.97 -11.35
C LEU A 327 -9.81 8.37 -11.77
N THR A 328 -9.46 9.35 -10.93
CA THR A 328 -9.92 10.72 -11.06
C THR A 328 -8.76 11.66 -10.77
N ARG A 329 -8.63 12.71 -11.59
CA ARG A 329 -7.57 13.70 -11.42
C ARG A 329 -8.10 14.87 -10.59
N TRP A 330 -7.46 15.13 -9.46
CA TRP A 330 -7.72 16.32 -8.65
C TRP A 330 -6.68 17.37 -9.01
N THR A 331 -7.14 18.54 -9.41
CA THR A 331 -6.25 19.61 -9.82
C THR A 331 -6.48 20.82 -8.93
N VAL A 332 -5.42 21.33 -8.32
CA VAL A 332 -5.46 22.57 -7.56
C VAL A 332 -4.43 23.53 -8.13
N ASP A 333 -4.67 24.82 -7.94
CA ASP A 333 -3.77 25.85 -8.47
C ASP A 333 -3.22 26.65 -7.30
N MET A 334 -1.90 26.61 -7.11
CA MET A 334 -1.30 27.29 -5.97
C MET A 334 -1.47 28.81 -6.07
N ALA A 335 -1.81 29.32 -7.25
CA ALA A 335 -2.06 30.75 -7.42
C ALA A 335 -3.53 31.13 -7.30
N SER A 336 -4.42 30.19 -6.98
CA SER A 336 -5.83 30.50 -6.95
C SER A 336 -6.19 31.27 -5.69
N ASN A 337 -7.22 32.10 -5.79
CA ASN A 337 -7.61 32.94 -4.67
C ASN A 337 -8.33 32.16 -3.59
N SER A 338 -9.26 31.30 -3.99
CA SER A 338 -10.11 30.62 -3.02
C SER A 338 -9.49 29.28 -2.66
N ASP A 339 -10.19 28.54 -1.80
CA ASP A 339 -9.77 27.20 -1.43
C ASP A 339 -10.41 26.13 -2.29
N GLU A 340 -11.11 26.49 -3.36
CA GLU A 340 -11.76 25.52 -4.22
C GLU A 340 -10.74 24.81 -5.10
N PHE A 341 -11.03 23.54 -5.40
CA PHE A 341 -10.23 22.84 -6.41
C PHE A 341 -10.39 23.56 -7.75
N ASP A 342 -9.34 23.46 -8.58
CA ASP A 342 -9.42 23.93 -9.96
C ASP A 342 -10.32 23.04 -10.79
N SER A 343 -10.20 21.72 -10.61
CA SER A 343 -11.08 20.79 -11.30
C SER A 343 -10.97 19.41 -10.69
N VAL A 344 -12.00 18.59 -10.95
CA VAL A 344 -12.06 17.19 -10.58
C VAL A 344 -12.54 16.46 -11.84
N THR A 345 -11.70 15.59 -12.39
CA THR A 345 -11.94 15.05 -13.72
C THR A 345 -11.75 13.55 -13.70
N ARG A 346 -12.82 12.80 -13.92
CA ARG A 346 -12.70 11.35 -14.00
C ARG A 346 -11.89 11.00 -15.25
N LEU A 347 -10.93 10.09 -15.09
CA LEU A 347 -10.02 9.73 -16.17
C LEU A 347 -10.42 8.44 -16.85
N THR A 348 -11.20 7.60 -16.19
CA THR A 348 -11.71 6.37 -16.77
C THR A 348 -13.05 6.05 -16.14
N GLU A 349 -13.89 5.34 -16.90
CA GLU A 349 -15.10 4.76 -16.35
C GLU A 349 -14.87 3.36 -15.81
N THR A 350 -13.66 2.80 -16.02
CA THR A 350 -13.29 1.54 -15.41
C THR A 350 -13.15 1.71 -13.90
N ALA A 351 -13.78 0.82 -13.15
CA ALA A 351 -13.69 0.82 -11.70
C ALA A 351 -12.47 0.00 -11.28
N GLY A 352 -11.70 0.53 -10.35
CA GLY A 352 -10.49 -0.16 -9.96
C GLY A 352 -9.81 0.49 -8.77
N GLU A 353 -8.76 -0.19 -8.32
CA GLU A 353 -7.97 0.27 -7.20
C GLU A 353 -6.55 -0.24 -7.39
N PHE A 354 -5.72 -0.16 -6.35
CA PHE A 354 -4.34 -0.58 -6.40
C PHE A 354 -3.61 0.06 -7.59
N PRO A 355 -3.65 1.40 -7.69
CA PRO A 355 -3.01 2.06 -8.84
C PRO A 355 -1.50 1.99 -8.75
N ARG A 356 -0.87 1.85 -9.92
CA ARG A 356 0.59 1.82 -10.01
C ARG A 356 1.06 2.56 -11.24
N ILE A 357 2.34 2.94 -11.20
CA ILE A 357 3.05 3.52 -12.32
C ILE A 357 4.40 2.83 -12.46
N ASP A 358 5.09 3.16 -13.56
CA ASP A 358 6.54 3.07 -13.64
C ASP A 358 7.11 4.07 -12.65
N ASP A 359 7.65 3.59 -11.53
CA ASP A 359 7.99 4.49 -10.44
C ASP A 359 9.12 5.45 -10.76
N ARG A 360 9.79 5.28 -11.90
CA ARG A 360 10.71 6.30 -12.38
C ARG A 360 9.99 7.60 -12.74
N MET A 361 8.67 7.58 -12.87
CA MET A 361 7.87 8.76 -13.16
C MET A 361 7.29 9.41 -11.90
N THR A 362 7.70 8.98 -10.72
CA THR A 362 7.15 9.55 -9.49
C THR A 362 7.30 11.06 -9.49
N GLY A 363 6.20 11.77 -9.36
CA GLY A 363 6.21 13.21 -9.27
C GLY A 363 6.28 13.94 -10.59
N LEU A 364 6.25 13.22 -11.71
CA LEU A 364 6.44 13.78 -13.03
C LEU A 364 5.21 13.55 -13.90
N PRO A 365 4.96 14.43 -14.88
CA PRO A 365 3.97 14.10 -15.91
C PRO A 365 4.26 12.71 -16.47
N TYR A 366 3.20 11.94 -16.70
CA TYR A 366 3.39 10.52 -16.99
C TYR A 366 2.30 10.01 -17.90
N ARG A 367 2.63 8.94 -18.64
CA ARG A 367 1.72 8.41 -19.65
C ARG A 367 0.94 7.20 -19.19
N TYR A 368 1.49 6.31 -18.36
CA TYR A 368 0.91 5.00 -18.15
C TYR A 368 0.54 4.78 -16.70
N GLY A 369 -0.62 4.18 -16.51
CA GLY A 369 -1.04 3.75 -15.19
C GLY A 369 -1.71 2.40 -15.21
N TRP A 370 -1.33 1.53 -14.28
CA TRP A 370 -1.92 0.21 -14.15
C TRP A 370 -2.80 0.17 -12.89
N MET A 371 -3.85 -0.63 -12.96
CA MET A 371 -4.72 -0.81 -11.80
C MET A 371 -5.25 -2.24 -11.77
N LEU A 372 -5.75 -2.63 -10.59
CA LEU A 372 -6.65 -3.77 -10.46
C LEU A 372 -8.06 -3.28 -10.75
N GLU A 373 -8.75 -3.96 -11.67
CA GLU A 373 -10.06 -3.56 -12.11
C GLU A 373 -11.10 -4.54 -11.60
N MET A 374 -12.25 -4.02 -11.28
CA MET A 374 -13.41 -4.86 -10.98
C MET A 374 -14.43 -4.67 -12.14
N ASP A 375 -14.48 -5.64 -13.04
CA ASP A 375 -15.44 -5.67 -14.17
C ASP A 375 -16.62 -6.52 -13.74
N MET A 376 -17.70 -5.87 -13.34
CA MET A 376 -18.86 -6.59 -12.82
C MET A 376 -19.70 -7.23 -13.90
N LYS A 377 -19.37 -7.04 -15.17
CA LYS A 377 -20.06 -7.71 -16.26
C LYS A 377 -19.47 -9.07 -16.60
N ARG A 378 -18.36 -9.45 -15.99
CA ARG A 378 -17.74 -10.72 -16.31
C ARG A 378 -18.43 -11.85 -15.53
N PRO A 379 -18.46 -13.05 -16.11
CA PRO A 379 -18.97 -14.19 -15.34
C PRO A 379 -18.08 -14.47 -14.14
N VAL A 380 -18.70 -14.95 -13.06
CA VAL A 380 -18.01 -15.37 -11.85
C VAL A 380 -18.57 -16.74 -11.47
N GLU A 381 -17.80 -17.79 -11.68
CA GLU A 381 -18.26 -19.15 -11.38
C GLU A 381 -17.56 -19.74 -10.17
N LEU A 391 -15.31 -9.46 -7.27
CA LEU A 391 -13.89 -9.78 -7.33
C LEU A 391 -13.09 -8.72 -8.11
N MET A 392 -11.85 -8.48 -7.70
CA MET A 392 -10.90 -7.77 -8.56
C MET A 392 -10.44 -8.77 -9.60
N ASN A 393 -11.00 -8.68 -10.81
CA ASN A 393 -10.88 -9.75 -11.78
C ASN A 393 -10.14 -9.35 -13.04
N CYS A 394 -9.65 -8.10 -13.16
CA CYS A 394 -8.91 -7.73 -14.34
C CYS A 394 -7.67 -6.93 -13.98
N LEU A 395 -6.65 -7.05 -14.83
CA LEU A 395 -5.57 -6.08 -14.91
C LEU A 395 -5.94 -5.01 -15.93
N PHE A 396 -5.69 -3.75 -15.58
CA PHE A 396 -6.09 -2.59 -16.36
C PHE A 396 -4.89 -1.70 -16.62
N LEU A 397 -4.78 -1.20 -17.85
CA LEU A 397 -3.73 -0.25 -18.23
C LEU A 397 -4.36 0.95 -18.92
N LYS A 398 -4.06 2.14 -18.40
CA LYS A 398 -4.53 3.40 -18.96
C LYS A 398 -3.37 4.16 -19.59
N ASP A 399 -3.62 4.67 -20.78
CA ASP A 399 -2.69 5.49 -21.56
C ASP A 399 -3.24 6.90 -21.53
N HIS A 400 -2.60 7.78 -20.75
CA HIS A 400 -3.06 9.15 -20.56
C HIS A 400 -2.80 10.00 -21.79
N GLN A 401 -1.92 9.56 -22.68
CA GLN A 401 -1.63 10.33 -23.89
C GLN A 401 -2.72 10.15 -24.94
N THR A 402 -3.14 8.91 -25.17
CA THR A 402 -4.14 8.63 -26.21
C THR A 402 -5.51 8.35 -25.64
N GLY A 403 -5.60 8.08 -24.33
CA GLY A 403 -6.82 7.66 -23.71
C GLY A 403 -7.08 6.17 -23.80
N ALA A 404 -6.30 5.44 -24.58
CA ALA A 404 -6.57 4.02 -24.81
C ALA A 404 -6.52 3.25 -23.50
N GLU A 405 -7.29 2.17 -23.45
CA GLU A 405 -7.36 1.30 -22.28
C GLU A 405 -7.17 -0.14 -22.70
N GLN A 406 -6.44 -0.88 -21.87
CA GLN A 406 -6.30 -2.33 -22.05
C GLN A 406 -6.85 -3.03 -20.83
N HIS A 407 -7.40 -4.22 -21.04
CA HIS A 407 -7.96 -5.03 -19.97
C HIS A 407 -7.54 -6.48 -20.17
N TRP A 408 -7.12 -7.14 -19.10
CA TRP A 408 -6.92 -8.58 -19.13
C TRP A 408 -7.72 -9.22 -17.98
N TRP A 409 -8.59 -10.16 -18.33
CA TRP A 409 -9.45 -10.85 -17.39
C TRP A 409 -8.81 -12.17 -16.99
N CYS A 410 -8.83 -12.44 -15.68
CA CYS A 410 -8.21 -13.66 -15.17
C CYS A 410 -9.14 -14.86 -15.19
N GLY A 411 -10.34 -14.71 -15.72
CA GLY A 411 -11.23 -15.84 -15.82
C GLY A 411 -12.20 -15.91 -14.66
N PRO A 412 -13.14 -16.85 -14.74
CA PRO A 412 -14.32 -16.80 -13.86
C PRO A 412 -14.14 -17.45 -12.50
N THR A 413 -12.97 -18.02 -12.18
CA THR A 413 -12.75 -18.62 -10.88
C THR A 413 -11.53 -18.05 -10.18
N SER A 414 -11.10 -16.85 -10.58
CA SER A 414 -9.88 -16.27 -10.06
C SER A 414 -10.07 -14.80 -9.70
N SER A 415 -9.08 -14.26 -8.99
CA SER A 415 -9.02 -12.83 -8.72
C SER A 415 -7.55 -12.44 -8.70
N LEU A 416 -7.29 -11.14 -8.65
CA LEU A 416 -5.95 -10.63 -8.82
C LEU A 416 -5.53 -9.78 -7.63
N GLN A 417 -4.22 -9.69 -7.44
CA GLN A 417 -3.60 -8.84 -6.43
C GLN A 417 -2.87 -7.68 -7.12
N GLU A 418 -2.24 -6.83 -6.32
CA GLU A 418 -1.65 -5.61 -6.85
C GLU A 418 -0.55 -5.90 -7.87
N PRO A 419 -0.56 -5.25 -9.02
CA PRO A 419 0.56 -5.37 -9.96
C PRO A 419 1.74 -4.51 -9.53
N ALA A 420 2.91 -4.85 -10.08
CA ALA A 420 4.12 -4.08 -9.86
C ALA A 420 4.90 -4.00 -11.16
N PHE A 421 5.43 -2.82 -11.46
CA PHE A 421 6.16 -2.60 -12.71
C PHE A 421 7.65 -2.85 -12.54
N ILE A 422 8.22 -3.49 -13.55
CA ILE A 422 9.65 -3.82 -13.62
C ILE A 422 10.22 -3.11 -14.84
N PRO A 423 11.09 -2.12 -14.67
CA PRO A 423 11.69 -1.46 -15.83
C PRO A 423 12.72 -2.36 -16.52
N ARG A 424 12.75 -2.28 -17.84
CA ARG A 424 13.72 -3.05 -18.60
C ARG A 424 15.15 -2.65 -18.23
N SER A 425 15.40 -1.34 -18.08
CA SER A 425 16.71 -0.82 -17.73
C SER A 425 16.53 0.56 -17.14
N LYS A 426 17.58 1.07 -16.52
CA LYS A 426 17.53 2.38 -15.86
C LYS A 426 17.04 3.47 -16.83
N ASP A 427 17.49 3.40 -18.07
CA ASP A 427 17.30 4.44 -19.07
C ASP A 427 16.19 4.11 -20.05
N ALA A 428 15.50 2.98 -19.89
CA ALA A 428 14.48 2.59 -20.85
C ALA A 428 13.33 3.60 -20.83
N PRO A 429 12.60 3.70 -21.93
CA PRO A 429 11.41 4.57 -21.94
C PRO A 429 10.41 4.18 -20.87
N GLU A 430 9.57 5.14 -20.51
CA GLU A 430 8.49 4.89 -19.56
C GLU A 430 7.64 3.70 -20.00
N GLY A 431 7.41 2.78 -19.06
CA GLY A 431 6.57 1.65 -19.35
C GLY A 431 7.23 0.53 -20.13
N ASP A 432 8.51 0.68 -20.49
CA ASP A 432 9.24 -0.36 -21.23
C ASP A 432 9.71 -1.36 -20.18
N GLY A 433 9.03 -2.50 -20.11
CA GLY A 433 9.33 -3.51 -19.11
C GLY A 433 8.14 -4.45 -18.94
N TRP A 434 7.98 -4.92 -17.70
CA TRP A 434 7.06 -6.00 -17.38
C TRP A 434 6.22 -5.64 -16.17
N ILE A 435 5.07 -6.30 -16.08
CA ILE A 435 4.21 -6.27 -14.90
C ILE A 435 4.25 -7.65 -14.29
N VAL A 436 4.40 -7.72 -12.97
CA VAL A 436 4.18 -8.95 -12.23
C VAL A 436 3.03 -8.75 -11.28
N GLN A 437 2.27 -9.82 -11.05
CA GLN A 437 1.19 -9.76 -10.06
C GLN A 437 0.78 -11.16 -9.66
N VAL A 438 0.37 -11.29 -8.39
CA VAL A 438 -0.18 -12.54 -7.90
C VAL A 438 -1.61 -12.72 -8.40
N CYS A 439 -1.94 -13.94 -8.82
CA CYS A 439 -3.28 -14.30 -9.20
C CYS A 439 -3.80 -15.35 -8.22
N ASN A 440 -4.97 -15.10 -7.63
CA ASN A 440 -5.61 -16.06 -6.74
C ASN A 440 -6.40 -17.05 -7.59
N ARG A 441 -5.93 -18.30 -7.68
CA ARG A 441 -6.66 -19.36 -8.39
C ARG A 441 -7.59 -20.01 -7.37
N LEU A 442 -8.75 -19.38 -7.20
CA LEU A 442 -9.63 -19.70 -6.09
C LEU A 442 -10.20 -21.11 -6.19
N ALA A 443 -10.45 -21.59 -7.40
CA ALA A 443 -11.00 -22.93 -7.53
C ALA A 443 -9.97 -23.98 -7.18
N ASP A 444 -8.69 -23.68 -7.42
CA ASP A 444 -7.58 -24.58 -7.15
C ASP A 444 -6.98 -24.39 -5.75
N HIS A 445 -7.47 -23.41 -4.98
CA HIS A 445 -6.89 -23.07 -3.68
C HIS A 445 -5.38 -22.92 -3.76
N LYS A 446 -4.92 -22.24 -4.82
CA LYS A 446 -3.50 -21.97 -4.99
C LYS A 446 -3.34 -20.59 -5.58
N SER A 447 -2.09 -20.17 -5.74
CA SER A 447 -1.77 -18.89 -6.36
C SER A 447 -0.78 -19.10 -7.49
N ASP A 448 -0.83 -18.18 -8.47
CA ASP A 448 0.14 -18.06 -9.53
C ASP A 448 0.81 -16.70 -9.41
N LEU A 449 2.03 -16.59 -9.92
CA LEU A 449 2.62 -15.29 -10.21
C LEU A 449 2.59 -15.13 -11.71
N LEU A 450 1.94 -14.06 -12.17
CA LEU A 450 1.83 -13.75 -13.59
C LEU A 450 2.89 -12.75 -13.98
N ILE A 451 3.45 -12.94 -15.17
CA ILE A 451 4.39 -11.97 -15.77
C ILE A 451 3.79 -11.51 -17.10
N PHE A 452 3.59 -10.19 -17.23
CA PHE A 452 3.08 -9.59 -18.46
C PHE A 452 4.14 -8.70 -19.10
N GLU A 453 4.09 -8.58 -20.43
CA GLU A 453 4.69 -7.44 -21.11
C GLU A 453 3.84 -6.22 -20.78
N ALA A 454 4.47 -5.20 -20.19
CA ALA A 454 3.71 -4.20 -19.44
C ALA A 454 2.74 -3.37 -20.30
N LEU A 455 3.05 -3.18 -21.58
CA LEU A 455 2.20 -2.39 -22.48
C LEU A 455 1.46 -3.28 -23.47
N ASP A 456 1.40 -4.57 -23.22
CA ASP A 456 0.71 -5.50 -24.10
C ASP A 456 0.11 -6.60 -23.21
N ILE A 457 -0.89 -6.23 -22.42
CA ILE A 457 -1.44 -7.15 -21.44
C ILE A 457 -2.64 -7.94 -21.95
N GLU A 458 -3.29 -7.52 -23.04
CA GLU A 458 -4.54 -8.15 -23.44
C GLU A 458 -4.31 -9.55 -23.98
N LYS A 459 -3.11 -9.84 -24.47
CA LYS A 459 -2.79 -11.19 -24.89
C LYS A 459 -2.51 -12.11 -23.71
N GLY A 460 -2.49 -11.57 -22.49
CA GLY A 460 -2.30 -12.38 -21.32
C GLY A 460 -0.85 -12.48 -20.93
N PRO A 461 -0.57 -13.18 -19.83
CA PRO A 461 0.80 -13.22 -19.32
C PRO A 461 1.69 -14.03 -20.26
N VAL A 462 2.96 -13.63 -20.31
CA VAL A 462 3.94 -14.39 -21.09
C VAL A 462 4.52 -15.53 -20.28
N ALA A 463 4.39 -15.51 -18.95
CA ALA A 463 4.78 -16.60 -18.07
C ALA A 463 3.81 -16.69 -16.90
N THR A 464 3.54 -17.92 -16.47
CA THR A 464 2.70 -18.19 -15.32
C THR A 464 3.48 -19.11 -14.41
N VAL A 465 3.82 -18.61 -13.22
CA VAL A 465 4.54 -19.38 -12.20
C VAL A 465 3.53 -19.93 -11.20
N HIS A 466 3.50 -21.25 -11.04
CA HIS A 466 2.57 -21.89 -10.12
C HIS A 466 3.17 -22.04 -8.73
N LEU A 467 2.46 -21.55 -7.73
CA LEU A 467 2.83 -21.88 -6.36
C LEU A 467 2.02 -23.09 -5.90
N PRO A 468 2.62 -24.03 -5.16
CA PRO A 468 1.89 -25.21 -4.72
C PRO A 468 1.11 -25.00 -3.43
N PHE A 469 0.70 -23.75 -3.20
CA PHE A 469 -0.11 -23.40 -2.05
C PHE A 469 -0.70 -22.03 -2.34
N ALA A 470 -1.65 -21.62 -1.51
CA ALA A 470 -2.33 -20.35 -1.68
C ALA A 470 -1.68 -19.25 -0.82
N LEU A 471 -1.40 -18.13 -1.45
CA LEU A 471 -1.20 -16.90 -0.72
C LEU A 471 -2.53 -16.35 -0.23
N ARG A 472 -2.45 -15.55 0.82
CA ARG A 472 -3.60 -14.81 1.31
C ARG A 472 -3.67 -13.45 0.61
N PHE A 473 -4.76 -12.75 0.88
CA PHE A 473 -4.93 -11.38 0.41
C PHE A 473 -3.68 -10.56 0.70
N GLY A 474 -3.20 -9.85 -0.32
CA GLY A 474 -2.01 -9.05 -0.16
C GLY A 474 -2.28 -7.56 -0.14
N LEU A 475 -1.34 -6.78 0.38
CA LEU A 475 -1.36 -5.34 0.20
C LEU A 475 -0.30 -5.00 -0.84
N HIS A 476 0.74 -4.25 -0.49
CA HIS A 476 1.62 -3.70 -1.50
C HIS A 476 2.93 -4.46 -1.66
N GLY A 477 3.51 -4.28 -2.84
CA GLY A 477 4.67 -5.03 -3.27
C GLY A 477 5.47 -4.27 -4.29
N ASN A 478 6.72 -4.71 -4.49
CA ASN A 478 7.67 -3.97 -5.29
C ASN A 478 8.75 -4.88 -5.87
N TRP A 479 9.20 -4.55 -7.06
CA TRP A 479 10.34 -5.20 -7.67
C TRP A 479 11.62 -4.44 -7.36
N ALA A 480 12.68 -5.18 -7.11
CA ALA A 480 14.03 -4.64 -7.04
C ALA A 480 14.98 -5.50 -7.86
N ASN A 481 15.88 -4.84 -8.60
CA ASN A 481 16.92 -5.56 -9.31
C ASN A 481 17.84 -6.27 -8.34
N ALA A 482 18.45 -7.38 -8.78
CA ALA A 482 19.24 -8.21 -7.89
C ALA A 482 20.35 -7.41 -7.21
N GLU A 483 21.02 -6.54 -7.96
CA GLU A 483 22.13 -5.78 -7.39
C GLU A 483 21.69 -4.83 -6.28
N GLU A 484 20.40 -4.56 -6.14
CA GLU A 484 19.92 -3.68 -5.09
C GLU A 484 19.58 -4.43 -3.81
N ILE A 485 19.64 -5.76 -3.81
CA ILE A 485 19.11 -6.55 -2.69
C ILE A 485 20.04 -7.71 -2.36
N GLY A 486 21.29 -7.63 -2.82
CA GLY A 486 22.28 -8.60 -2.44
C GLY A 486 22.15 -9.97 -3.07
N LEU A 487 21.50 -10.06 -4.22
CA LEU A 487 21.34 -11.32 -4.93
C LEU A 487 22.24 -11.33 -6.17
N ALA A 488 22.35 -12.49 -6.79
CA ALA A 488 23.48 -12.73 -7.69
C ALA A 488 23.39 -11.88 -8.94
N ALA A 489 24.57 -11.48 -9.43
CA ALA A 489 24.67 -10.75 -10.70
C ALA A 489 24.44 -11.71 -11.86
CAI V55 B . -5.03 0.05 4.65
CAG V55 B . -4.49 -1.14 4.93
CAK V55 B . -4.03 -1.45 6.36
CAJ V55 B . -4.19 -0.53 7.27
CAF V55 B . -4.82 0.83 6.95
OAB V55 B . -5.50 -0.41 2.42
CAE V55 B . -5.20 1.09 5.73
CAD V55 B . -5.49 0.41 3.24
CAA V55 B . -3.23 -3.60 5.74
OAH V55 B . -3.47 -2.66 6.76
OAC V55 B . -3.80 -0.79 8.58
S DMS C . 15.68 -6.38 -14.74
O DMS C . 15.08 -5.38 -13.83
C1 DMS C . 14.61 -6.46 -16.19
C2 DMS C . 17.09 -5.58 -15.56
H11 DMS C . 13.59 -6.47 -15.89
H12 DMS C . 14.81 -7.34 -16.74
H13 DMS C . 14.78 -5.60 -16.80
H21 DMS C . 17.44 -6.20 -16.34
H22 DMS C . 16.77 -4.65 -15.95
H23 DMS C . 17.87 -5.42 -14.86
S DMS D . 12.68 7.29 -17.36
O DMS D . 12.74 8.62 -16.68
C1 DMS D . 11.67 7.45 -18.86
C2 DMS D . 14.28 6.96 -18.16
H11 DMS D . 10.67 7.68 -18.59
H12 DMS D . 12.07 8.23 -19.47
H13 DMS D . 11.69 6.54 -19.40
H21 DMS D . 14.49 7.74 -18.85
H22 DMS D . 14.24 6.03 -18.67
H23 DMS D . 15.04 6.93 -17.42
S DMS E . -14.17 -8.12 14.67
O DMS E . -13.18 -7.00 14.82
C1 DMS E . -15.77 -7.44 15.16
C2 DMS E . -14.56 -8.37 12.91
H11 DMS E . -15.98 -6.57 14.58
H12 DMS E . -15.74 -7.19 16.19
H13 DMS E . -16.53 -8.15 14.99
H21 DMS E . -15.08 -9.28 12.79
H22 DMS E . -13.66 -8.40 12.34
H23 DMS E . -15.17 -7.57 12.56
S DMS F . 4.04 4.57 20.54
O DMS F . 3.02 5.25 19.70
C1 DMS F . 3.75 4.95 22.29
C2 DMS F . 3.73 2.78 20.56
H11 DMS F . 3.98 5.97 22.47
H12 DMS F . 2.73 4.78 22.52
H13 DMS F . 4.36 4.34 22.89
H21 DMS F . 3.93 2.38 19.60
H22 DMS F . 4.36 2.33 21.28
H23 DMS F . 2.72 2.61 20.81
C ACT G . 20.32 8.85 10.54
O ACT G . 21.12 8.21 11.29
OXT ACT G . 19.60 8.43 9.61
CH3 ACT G . 20.21 10.35 10.78
H1 ACT G . 20.85 10.61 11.46
H2 ACT G . 19.31 10.56 11.06
H3 ACT G . 20.41 10.82 9.95
S DMS H . 17.76 -0.56 11.72
O DMS H . 17.26 -0.43 10.30
C1 DMS H . 16.59 -1.52 12.74
C2 DMS H . 19.15 -1.72 11.73
H11 DMS H . 16.70 -2.55 12.51
H12 DMS H . 16.80 -1.36 13.75
H13 DMS H . 15.60 -1.22 12.52
H21 DMS H . 19.25 -2.14 12.71
H22 DMS H . 18.97 -2.50 11.03
H23 DMS H . 20.03 -1.21 11.47
S DMS I . 1.23 -18.12 -19.91
O DMS I . 2.10 -17.67 -18.79
C1 DMS I . 2.00 -17.70 -21.50
C2 DMS I . 1.25 -19.93 -20.05
H11 DMS I . 2.64 -18.50 -21.80
H12 DMS I . 1.24 -17.59 -22.23
H13 DMS I . 2.54 -16.81 -21.41
H21 DMS I . 0.69 -20.23 -20.89
H22 DMS I . 2.25 -20.26 -20.15
H23 DMS I . 0.83 -20.36 -19.17
S DMS J . -6.89 12.03 -23.90
O DMS J . -6.27 11.14 -22.86
C1 DMS J . -5.97 11.92 -25.46
C2 DMS J . -8.49 11.35 -24.42
H11 DMS J . -5.11 12.53 -25.41
H12 DMS J . -5.68 10.92 -25.63
H13 DMS J . -6.59 12.24 -26.26
H21 DMS J . -9.17 11.36 -23.61
H22 DMS J . -8.36 10.34 -24.75
H23 DMS J . -8.88 11.93 -25.22
S DMS K . -13.35 9.27 -18.55
O DMS K . -14.65 9.86 -18.07
C1 DMS K . -13.70 8.21 -19.99
C2 DMS K . -12.40 10.56 -19.41
H11 DMS K . -14.62 7.70 -19.85
H12 DMS K . -12.91 7.51 -20.10
H13 DMS K . -13.76 8.80 -20.86
H21 DMS K . -12.12 11.30 -18.72
H22 DMS K . -11.53 10.13 -19.85
H23 DMS K . -12.99 11.00 -20.17
CO CO L . -2.23 1.08 0.57
CO CO M . 21.29 17.42 7.68
MG MG N . 21.25 4.35 10.02
MG MG O . -22.00 12.54 -1.86
#